data_2WZB
#
_entry.id   2WZB
#
_cell.length_a   39.430
_cell.length_b   92.180
_cell.length_c   109.000
_cell.angle_alpha   90.00
_cell.angle_beta   90.00
_cell.angle_gamma   90.00
#
_symmetry.space_group_name_H-M   'P 21 21 21'
#
loop_
_entity.id
_entity.type
_entity.pdbx_description
1 polymer 'PHOSPHOGLYCERATE KINASE 1'
2 non-polymer 'MAGNESIUM ION'
3 non-polymer 'CHLORIDE ION'
4 non-polymer "ADENOSINE-5'-DIPHOSPHATE"
5 non-polymer '3-PHOSPHOGLYCERIC ACID'
6 non-polymer TRIFLUOROMAGNESATE
7 water water
#
_entity_poly.entity_id   1
_entity_poly.type   'polypeptide(L)'
_entity_poly.pdbx_seq_one_letter_code
;SLSNKLTLDKLDVKGKRVVMRVDFNVPMKNNQITNNQRIKAAVPSIKFCLDNGAKSVVLMSHLGRPDGVPMPDKYSLEPV
AVELKSLLGKDVLFLKDCVGPEVEKACANPAAGSVILLENLRFHVEEEGKGKDASGNKVKAEPAKIEAFRASLSKLGDVY
VNDAFGTAHRAHSSMVGVNLPQKAGGFLMKKELNYFAKALESPERPFLAILGGAKVADKIQLINNMLDKVNEMIIGGGMA
FTFLKVLNNMEIGTSLFDEEGAKIVKDLMSKAEKNGVKITLPVDFVTADKFDENAKTGQATVASGIPAGWMGLDCGPESS
KKYAEAVTRAKQIVWNGPVGVFEWEAFARGTKALMDEVVKATSRGCITIIGGGDTATCCAKWNTEDKVSHVSTGGGASLE
LLEGKVLPGVDALSNI
;
_entity_poly.pdbx_strand_id   A
#
# COMPACT_ATOMS: atom_id res chain seq x y z
N LEU A 2 -13.69 -11.97 -9.00
CA LEU A 2 -14.70 -12.09 -7.90
C LEU A 2 -15.95 -12.80 -8.41
N SER A 3 -15.78 -13.72 -9.38
CA SER A 3 -16.90 -14.42 -9.99
C SER A 3 -17.69 -15.21 -8.95
N ASN A 4 -16.94 -15.70 -7.97
CA ASN A 4 -17.48 -16.53 -6.88
C ASN A 4 -17.88 -15.73 -5.63
N LYS A 5 -17.69 -14.42 -5.65
CA LYS A 5 -17.98 -13.59 -4.48
C LYS A 5 -19.10 -12.57 -4.75
N LEU A 6 -19.89 -12.30 -3.71
CA LEU A 6 -20.83 -11.20 -3.77
C LEU A 6 -20.10 -9.87 -3.99
N THR A 7 -20.63 -9.10 -4.93
CA THR A 7 -20.10 -7.76 -5.20
C THR A 7 -21.23 -6.74 -5.15
N LEU A 8 -20.83 -5.46 -5.04
CA LEU A 8 -21.76 -4.37 -4.73
C LEU A 8 -22.87 -4.18 -5.77
N ASP A 9 -22.59 -4.49 -7.04
CA ASP A 9 -23.57 -4.47 -8.13
C ASP A 9 -24.79 -5.37 -7.90
N LYS A 10 -24.66 -6.36 -7.02
CA LYS A 10 -25.70 -7.30 -6.70
C LYS A 10 -26.14 -7.26 -5.23
N LEU A 11 -25.70 -6.25 -4.50
CA LEU A 11 -26.08 -6.09 -3.08
C LEU A 11 -27.25 -5.11 -2.98
N ASP A 12 -28.39 -5.54 -2.45
CA ASP A 12 -29.54 -4.66 -2.19
C ASP A 12 -29.22 -3.75 -0.99
N VAL A 13 -29.06 -2.45 -1.25
CA VAL A 13 -28.78 -1.48 -0.19
C VAL A 13 -29.95 -0.56 0.16
N LYS A 14 -31.09 -0.74 -0.49
CA LYS A 14 -32.23 0.16 -0.23
C LYS A 14 -32.68 0.04 1.22
N GLY A 15 -32.66 1.18 1.92
CA GLY A 15 -33.07 1.22 3.33
C GLY A 15 -32.10 0.56 4.29
N LYS A 16 -30.92 0.20 3.81
CA LYS A 16 -29.90 -0.47 4.63
C LYS A 16 -28.80 0.49 5.05
N ARG A 17 -28.33 0.33 6.29
CA ARG A 17 -27.09 0.95 6.73
C ARG A 17 -25.93 0.13 6.16
N VAL A 18 -24.98 0.80 5.50
CA VAL A 18 -23.81 0.12 4.93
C VAL A 18 -22.58 0.46 5.74
N VAL A 19 -21.86 -0.55 6.22
CA VAL A 19 -20.56 -0.37 6.89
C VAL A 19 -19.52 -0.83 5.88
N MET A 20 -18.58 0.06 5.57
CA MET A 20 -17.64 -0.11 4.45
C MET A 20 -16.20 0.09 4.89
N ARG A 21 -15.40 -0.95 4.72
CA ARG A 21 -13.96 -0.86 4.92
C ARG A 21 -13.37 -0.27 3.65
N VAL A 22 -12.59 0.79 3.84
CA VAL A 22 -11.87 1.48 2.77
C VAL A 22 -10.41 1.61 3.16
N ASP A 23 -9.54 1.81 2.17
CA ASP A 23 -8.15 2.13 2.44
C ASP A 23 -7.98 3.64 2.25
N PHE A 24 -8.06 4.34 3.37
CA PHE A 24 -7.84 5.78 3.43
C PHE A 24 -6.50 6.07 4.13
N ASN A 25 -5.55 5.13 4.03
CA ASN A 25 -4.20 5.32 4.53
C ASN A 25 -3.40 6.19 3.56
N VAL A 26 -3.72 7.49 3.56
CA VAL A 26 -3.17 8.45 2.61
C VAL A 26 -1.84 9.01 3.11
N PRO A 27 -0.93 9.38 2.20
CA PRO A 27 0.31 10.01 2.61
C PRO A 27 0.08 11.43 3.13
N MET A 28 0.88 11.82 4.12
CA MET A 28 0.82 13.12 4.77
C MET A 28 2.24 13.71 4.88
N LYS A 29 2.38 15.03 4.65
CA LYS A 29 3.64 15.77 4.85
C LYS A 29 3.25 17.10 5.42
N ASN A 30 3.99 17.56 6.42
CA ASN A 30 3.60 18.78 7.15
C ASN A 30 2.11 18.76 7.55
N ASN A 31 1.58 17.58 7.89
CA ASN A 31 0.17 17.41 8.32
C ASN A 31 -0.94 17.60 7.25
N GLN A 32 -0.55 17.78 6.00
CA GLN A 32 -1.50 17.93 4.90
C GLN A 32 -1.49 16.63 4.13
N ILE A 33 -2.65 16.27 3.56
CA ILE A 33 -2.75 15.13 2.64
C ILE A 33 -1.97 15.51 1.37
N THR A 34 -1.01 14.66 0.98
CA THR A 34 -0.18 14.95 -0.18
C THR A 34 -0.69 14.24 -1.43
N ASN A 35 -1.61 13.29 -1.26
CA ASN A 35 -2.24 12.59 -2.39
C ASN A 35 -3.58 12.06 -1.94
N ASN A 36 -4.66 12.51 -2.60
CA ASN A 36 -5.98 12.02 -2.28
C ASN A 36 -6.43 10.80 -3.12
N GLN A 37 -5.48 10.21 -3.88
CA GLN A 37 -5.75 9.07 -4.77
C GLN A 37 -6.63 8.03 -4.11
N ARG A 38 -6.25 7.57 -2.93
CA ARG A 38 -6.95 6.49 -2.29
C ARG A 38 -8.38 6.86 -1.87
N ILE A 39 -8.58 8.13 -1.53
CA ILE A 39 -9.93 8.62 -1.17
C ILE A 39 -10.83 8.70 -2.41
N LYS A 40 -10.32 9.37 -3.45
CA LYS A 40 -11.04 9.45 -4.72
C LYS A 40 -11.42 8.06 -5.24
N ALA A 41 -10.57 7.08 -5.03
CA ALA A 41 -10.75 5.76 -5.61
C ALA A 41 -11.97 5.05 -5.01
N ALA A 42 -12.35 5.37 -3.76
CA ALA A 42 -13.53 4.77 -3.11
C ALA A 42 -14.85 5.49 -3.42
N VAL A 43 -14.79 6.66 -4.03
CA VAL A 43 -16.01 7.45 -4.30
C VAL A 43 -17.06 6.68 -5.11
N PRO A 44 -16.66 5.92 -6.16
CA PRO A 44 -17.72 5.22 -6.92
C PRO A 44 -18.58 4.26 -6.06
N SER A 45 -17.97 3.49 -5.18
CA SER A 45 -18.74 2.61 -4.30
C SER A 45 -19.63 3.39 -3.33
N ILE A 46 -19.09 4.48 -2.76
CA ILE A 46 -19.86 5.28 -1.78
C ILE A 46 -21.07 5.92 -2.46
N LYS A 47 -20.83 6.58 -3.58
CA LYS A 47 -21.90 7.20 -4.37
C LYS A 47 -22.97 6.19 -4.82
N PHE A 48 -22.53 4.99 -5.22
CA PHE A 48 -23.48 3.96 -5.64
C PHE A 48 -24.43 3.62 -4.46
N CYS A 49 -23.84 3.46 -3.28
CA CYS A 49 -24.66 3.13 -2.12
C CYS A 49 -25.71 4.22 -1.89
N LEU A 50 -25.28 5.49 -1.88
CA LEU A 50 -26.20 6.60 -1.64
C LEU A 50 -27.26 6.74 -2.74
N ASP A 51 -26.84 6.56 -3.99
CA ASP A 51 -27.71 6.72 -5.16
C ASP A 51 -28.79 5.62 -5.24
N ASN A 52 -28.48 4.46 -4.67
CA ASN A 52 -29.42 3.34 -4.65
C ASN A 52 -30.11 3.15 -3.30
N GLY A 53 -30.13 4.21 -2.49
CA GLY A 53 -31.06 4.28 -1.36
C GLY A 53 -30.55 3.82 -0.01
N ALA A 54 -29.23 3.72 0.15
CA ALA A 54 -28.65 3.38 1.45
C ALA A 54 -29.11 4.39 2.49
N LYS A 55 -29.46 3.88 3.68
CA LYS A 55 -29.80 4.75 4.79
C LYS A 55 -28.59 5.51 5.28
N SER A 56 -27.44 4.85 5.29
CA SER A 56 -26.19 5.45 5.71
C SER A 56 -25.01 4.71 5.12
N VAL A 57 -23.85 5.36 5.13
CA VAL A 57 -22.58 4.73 4.79
C VAL A 57 -21.60 5.13 5.88
N VAL A 58 -21.16 4.12 6.63
CA VAL A 58 -20.18 4.28 7.70
C VAL A 58 -18.85 3.77 7.16
N LEU A 59 -17.86 4.65 7.08
CA LEU A 59 -16.53 4.35 6.51
C LEU A 59 -15.51 4.11 7.61
N MET A 60 -14.67 3.09 7.44
CA MET A 60 -13.64 2.76 8.41
C MET A 60 -12.33 2.41 7.73
N SER A 61 -11.24 2.89 8.32
CA SER A 61 -9.88 2.64 7.80
C SER A 61 -8.86 2.76 8.93
N HIS A 62 -7.64 2.31 8.64
CA HIS A 62 -6.48 2.70 9.41
C HIS A 62 -5.78 3.91 8.77
N LEU A 63 -4.85 4.47 9.53
CA LEU A 63 -3.90 5.47 9.04
C LEU A 63 -2.58 5.19 9.75
N GLY A 64 -1.56 4.90 8.95
CA GLY A 64 -0.24 4.61 9.47
C GLY A 64 -0.19 3.39 10.36
N ARG A 65 0.80 3.37 11.26
CA ARG A 65 1.03 2.25 12.17
C ARG A 65 1.18 2.73 13.62
N PRO A 66 0.04 3.15 14.22
CA PRO A 66 0.05 3.60 15.63
C PRO A 66 0.12 2.45 16.65
N ASP A 67 0.02 1.20 16.18
CA ASP A 67 0.32 0.03 17.01
C ASP A 67 -0.59 -0.16 18.23
N GLY A 68 -1.87 0.14 18.06
CA GLY A 68 -2.88 -0.18 19.06
C GLY A 68 -2.96 0.79 20.21
N VAL A 69 -2.40 2.00 20.02
CA VAL A 69 -2.50 3.07 20.99
C VAL A 69 -3.18 4.30 20.36
N PRO A 70 -4.11 4.95 21.07
CA PRO A 70 -4.69 6.15 20.46
C PRO A 70 -3.67 7.29 20.30
N MET A 71 -3.51 7.74 19.07
CA MET A 71 -2.53 8.78 18.73
C MET A 71 -3.20 9.83 17.86
N PRO A 72 -4.28 10.47 18.38
CA PRO A 72 -5.02 11.44 17.60
C PRO A 72 -4.17 12.62 17.17
N ASP A 73 -3.16 12.96 17.96
CA ASP A 73 -2.25 14.04 17.62
C ASP A 73 -1.42 13.74 16.37
N LYS A 74 -1.17 12.45 16.10
CA LYS A 74 -0.27 12.04 15.01
C LYS A 74 -0.94 11.32 13.84
N TYR A 75 -1.95 10.49 14.10
CA TYR A 75 -2.55 9.63 13.06
C TYR A 75 -4.08 9.69 13.04
N SER A 76 -4.67 10.88 13.24
CA SER A 76 -6.14 11.01 13.15
C SER A 76 -6.60 11.01 11.69
N LEU A 77 -7.75 10.38 11.43
CA LEU A 77 -8.38 10.45 10.11
C LEU A 77 -9.22 11.72 9.90
N GLU A 78 -9.29 12.62 10.89
CA GLU A 78 -10.15 13.81 10.73
C GLU A 78 -9.91 14.58 9.43
N PRO A 79 -8.63 14.77 9.01
CA PRO A 79 -8.42 15.49 7.75
C PRO A 79 -8.99 14.78 6.51
N VAL A 80 -9.12 13.48 6.55
CA VAL A 80 -9.67 12.77 5.42
C VAL A 80 -11.14 13.07 5.25
N ALA A 81 -11.83 13.26 6.35
CA ALA A 81 -13.26 13.51 6.32
C ALA A 81 -13.51 14.81 5.60
N VAL A 82 -12.69 15.77 5.92
CA VAL A 82 -12.79 17.00 5.25
C VAL A 82 -12.61 16.90 3.75
N GLU A 83 -11.61 16.16 3.32
CA GLU A 83 -11.32 15.95 1.89
C GLU A 83 -12.42 15.16 1.18
N LEU A 84 -12.99 14.20 1.88
CA LEU A 84 -14.02 13.35 1.28
C LEU A 84 -15.23 14.21 0.85
N LYS A 85 -15.59 15.21 1.65
CA LYS A 85 -16.69 16.16 1.33
C LYS A 85 -16.58 16.79 -0.07
N SER A 86 -15.42 17.35 -0.36
CA SER A 86 -15.16 17.96 -1.67
C SER A 86 -15.26 16.95 -2.82
N LEU A 87 -14.79 15.74 -2.58
CA LEU A 87 -14.76 14.73 -3.64
C LEU A 87 -16.13 14.09 -3.86
N LEU A 88 -16.93 14.01 -2.80
CA LEU A 88 -18.27 13.38 -2.87
C LEU A 88 -19.35 14.33 -3.33
N GLY A 89 -19.23 15.60 -2.91
CA GLY A 89 -20.30 16.57 -3.04
C GLY A 89 -21.39 16.41 -1.98
N LYS A 90 -21.04 15.73 -0.88
CA LYS A 90 -21.94 15.56 0.28
C LYS A 90 -21.14 15.82 1.56
N ASP A 91 -21.78 16.24 2.65
CA ASP A 91 -21.04 16.42 3.92
C ASP A 91 -20.79 15.07 4.62
N VAL A 92 -19.79 15.03 5.49
CA VAL A 92 -19.41 13.79 6.20
C VAL A 92 -19.17 14.12 7.67
N LEU A 93 -19.74 13.29 8.55
CA LEU A 93 -19.58 13.46 10.00
C LEU A 93 -18.44 12.59 10.48
N PHE A 94 -17.49 13.21 11.20
CA PHE A 94 -16.36 12.49 11.76
C PHE A 94 -16.58 12.12 13.21
N LEU A 95 -16.36 10.85 13.54
CA LEU A 95 -16.43 10.40 14.93
C LEU A 95 -15.02 10.19 15.48
N LYS A 96 -14.82 10.52 16.77
CA LYS A 96 -13.48 10.45 17.38
C LYS A 96 -13.10 9.05 17.91
N ASP A 97 -13.93 8.04 17.63
CA ASP A 97 -13.59 6.65 17.90
C ASP A 97 -14.21 5.78 16.79
N CYS A 98 -14.05 4.50 16.88
CA CYS A 98 -14.59 3.59 15.89
C CYS A 98 -15.42 2.49 16.51
N VAL A 99 -15.41 2.44 17.84
CA VAL A 99 -16.21 1.49 18.56
C VAL A 99 -16.61 2.07 19.91
N GLY A 100 -17.46 1.34 20.60
CA GLY A 100 -18.02 1.86 21.83
C GLY A 100 -19.44 2.43 21.74
N PRO A 101 -20.02 2.72 22.89
CA PRO A 101 -21.43 3.07 22.98
C PRO A 101 -21.76 4.35 22.28
N GLU A 102 -20.90 5.30 22.38
CA GLU A 102 -21.12 6.56 21.63
C GLU A 102 -21.14 6.35 20.10
N VAL A 103 -20.18 5.59 19.57
CA VAL A 103 -20.15 5.31 18.13
C VAL A 103 -21.36 4.48 17.70
N GLU A 104 -21.67 3.46 18.49
CA GLU A 104 -22.86 2.63 18.22
C GLU A 104 -24.14 3.46 18.17
N LYS A 105 -24.26 4.46 19.04
CA LYS A 105 -25.45 5.31 19.04
C LYS A 105 -25.52 6.21 17.80
N ALA A 106 -24.34 6.74 17.40
CA ALA A 106 -24.28 7.63 16.24
C ALA A 106 -24.65 6.90 14.95
N CYS A 107 -24.38 5.59 14.91
CA CYS A 107 -24.61 4.80 13.71
C CYS A 107 -25.91 3.99 13.74
N ALA A 108 -26.59 3.93 14.87
CA ALA A 108 -27.72 3.01 15.04
C ALA A 108 -28.94 3.32 14.18
N ASN A 109 -29.28 4.60 14.08
CA ASN A 109 -30.49 5.03 13.39
C ASN A 109 -30.29 6.39 12.74
N PRO A 110 -29.37 6.46 11.75
CA PRO A 110 -29.00 7.77 11.22
C PRO A 110 -30.07 8.36 10.30
N ALA A 111 -30.04 9.68 10.14
CA ALA A 111 -30.85 10.37 9.14
C ALA A 111 -30.54 9.81 7.74
N ALA A 112 -31.56 9.78 6.89
CA ALA A 112 -31.43 9.26 5.54
C ALA A 112 -30.25 9.92 4.79
N GLY A 113 -29.39 9.08 4.21
CA GLY A 113 -28.28 9.58 3.40
C GLY A 113 -27.03 10.02 4.16
N SER A 114 -26.95 9.69 5.45
CA SER A 114 -25.80 10.07 6.29
C SER A 114 -24.51 9.36 5.89
N VAL A 115 -23.42 10.13 5.75
CA VAL A 115 -22.08 9.57 5.59
C VAL A 115 -21.29 9.84 6.86
N ILE A 116 -20.68 8.79 7.41
CA ILE A 116 -20.00 8.83 8.70
C ILE A 116 -18.60 8.22 8.53
N LEU A 117 -17.55 8.90 9.01
CA LEU A 117 -16.18 8.36 8.99
C LEU A 117 -15.72 8.15 10.43
N LEU A 118 -15.36 6.91 10.76
CA LEU A 118 -14.81 6.54 12.06
C LEU A 118 -13.33 6.90 12.21
N GLU A 119 -12.88 7.03 13.45
CA GLU A 119 -11.47 7.28 13.71
C GLU A 119 -10.62 6.03 13.41
N ASN A 120 -9.33 6.28 13.21
CA ASN A 120 -8.31 5.23 12.95
C ASN A 120 -8.53 3.92 13.72
N LEU A 121 -8.76 2.85 12.97
CA LEU A 121 -8.97 1.52 13.56
C LEU A 121 -7.79 0.99 14.36
N ARG A 122 -6.59 1.39 13.98
CA ARG A 122 -5.37 0.89 14.64
C ARG A 122 -5.04 1.61 15.98
N PHE A 123 -5.90 2.53 16.40
CA PHE A 123 -5.84 3.04 17.79
C PHE A 123 -6.26 1.98 18.80
N HIS A 124 -6.81 0.86 18.31
CA HIS A 124 -7.18 -0.30 19.14
C HIS A 124 -6.30 -1.48 18.74
N VAL A 125 -5.67 -2.11 19.75
CA VAL A 125 -4.84 -3.28 19.50
C VAL A 125 -5.61 -4.43 18.84
N GLU A 126 -6.92 -4.48 19.04
CA GLU A 126 -7.79 -5.53 18.50
C GLU A 126 -7.94 -5.55 16.97
N GLU A 127 -7.59 -4.45 16.31
CA GLU A 127 -7.70 -4.43 14.83
C GLU A 127 -6.65 -5.34 14.20
N GLU A 128 -5.39 -5.03 14.45
CA GLU A 128 -4.26 -6.01 14.07
CA GLU A 128 -4.24 -5.99 14.09
C GLU A 128 -4.14 -7.16 14.71
N GLY A 129 -4.58 -7.12 15.96
CA GLY A 129 -4.52 -8.27 16.79
C GLY A 129 -3.23 -8.39 17.59
N LYS A 130 -2.43 -7.33 17.58
CA LYS A 130 -1.14 -7.25 18.28
C LYS A 130 -0.67 -5.83 18.27
N GLY A 131 0.29 -5.51 19.18
CA GLY A 131 0.85 -4.16 19.24
C GLY A 131 2.14 -4.07 20.04
N GLU A 142 -6.16 -12.17 24.39
CA GLU A 142 -7.05 -11.10 24.12
C GLU A 142 -8.13 -11.60 23.25
N PRO A 143 -8.26 -12.87 23.06
CA PRO A 143 -9.30 -13.22 22.09
C PRO A 143 -10.68 -12.61 22.40
N ALA A 144 -11.04 -12.50 23.67
CA ALA A 144 -12.37 -11.99 24.05
C ALA A 144 -12.59 -10.54 23.59
N LYS A 145 -11.58 -9.67 23.76
CA LYS A 145 -11.71 -8.28 23.34
C LYS A 145 -11.67 -8.16 21.81
N ILE A 146 -10.93 -9.04 21.14
CA ILE A 146 -10.97 -9.06 19.65
C ILE A 146 -12.39 -9.36 19.18
N GLU A 147 -13.04 -10.33 19.80
CA GLU A 147 -14.43 -10.66 19.48
C GLU A 147 -15.35 -9.46 19.73
N ALA A 148 -15.16 -8.78 20.86
CA ALA A 148 -15.99 -7.63 21.22
C ALA A 148 -15.78 -6.47 20.25
N PHE A 149 -14.55 -6.27 19.81
CA PHE A 149 -14.23 -5.24 18.82
C PHE A 149 -14.96 -5.52 17.51
N ARG A 150 -14.84 -6.76 17.05
CA ARG A 150 -15.51 -7.19 15.82
C ARG A 150 -17.04 -7.13 15.92
N ALA A 151 -17.57 -7.52 17.08
CA ALA A 151 -19.02 -7.39 17.36
C ALA A 151 -19.48 -5.94 17.29
N SER A 152 -18.71 -5.03 17.86
CA SER A 152 -19.04 -3.61 17.83
C SER A 152 -19.06 -3.03 16.40
N LEU A 153 -18.02 -3.31 15.63
CA LEU A 153 -17.96 -2.87 14.23
C LEU A 153 -19.17 -3.38 13.46
N SER A 154 -19.59 -4.61 13.74
CA SER A 154 -20.68 -5.26 13.00
C SER A 154 -22.04 -4.62 13.26
N LYS A 155 -22.18 -3.91 14.38
CA LYS A 155 -23.43 -3.25 14.72
C LYS A 155 -23.66 -1.97 13.92
N LEU A 156 -22.61 -1.44 13.33
CA LEU A 156 -22.65 -0.12 12.68
C LEU A 156 -23.28 -0.09 11.29
N GLY A 157 -23.52 -1.26 10.71
CA GLY A 157 -24.27 -1.38 9.46
C GLY A 157 -25.12 -2.66 9.46
N ASP A 158 -26.01 -2.76 8.48
CA ASP A 158 -26.83 -3.96 8.25
C ASP A 158 -26.20 -4.88 7.19
N VAL A 159 -25.43 -4.28 6.27
CA VAL A 159 -24.68 -4.99 5.24
C VAL A 159 -23.25 -4.44 5.23
N TYR A 160 -22.29 -5.25 4.76
CA TYR A 160 -20.86 -4.85 4.73
C TYR A 160 -20.33 -4.82 3.32
N VAL A 161 -19.51 -3.81 3.04
CA VAL A 161 -18.77 -3.71 1.76
C VAL A 161 -17.28 -3.57 2.09
N ASN A 162 -16.43 -4.32 1.40
CA ASN A 162 -14.99 -4.11 1.48
C ASN A 162 -14.49 -3.54 0.15
N ASP A 163 -14.10 -2.26 0.17
CA ASP A 163 -13.46 -1.61 -0.99
C ASP A 163 -11.98 -1.29 -0.72
N ALA A 164 -11.39 -1.91 0.31
CA ALA A 164 -10.03 -1.58 0.76
C ALA A 164 -8.99 -2.44 0.04
N PHE A 165 -8.85 -2.23 -1.27
CA PHE A 165 -7.86 -3.01 -2.03
C PHE A 165 -6.46 -2.87 -1.43
N GLY A 166 -6.07 -1.65 -1.10
CA GLY A 166 -4.75 -1.43 -0.54
C GLY A 166 -4.41 -2.14 0.74
N THR A 167 -5.44 -2.59 1.48
CA THR A 167 -5.31 -3.32 2.75
C THR A 167 -5.70 -4.79 2.62
N ALA A 168 -5.99 -5.25 1.40
CA ALA A 168 -6.60 -6.57 1.22
C ALA A 168 -5.70 -7.74 1.59
N HIS A 169 -4.38 -7.53 1.67
CA HIS A 169 -3.45 -8.52 2.15
C HIS A 169 -3.44 -8.72 3.68
N ARG A 170 -4.13 -7.85 4.41
CA ARG A 170 -4.16 -7.89 5.89
C ARG A 170 -5.39 -8.59 6.45
N ALA A 171 -5.15 -9.66 7.19
CA ALA A 171 -6.22 -10.43 7.87
C ALA A 171 -6.55 -9.78 9.23
N HIS A 172 -6.96 -8.51 9.17
CA HIS A 172 -7.22 -7.67 10.34
C HIS A 172 -8.73 -7.67 10.62
N SER A 173 -9.11 -7.28 11.82
CA SER A 173 -10.51 -7.39 12.27
C SER A 173 -11.52 -6.73 11.32
N SER A 174 -11.27 -5.49 10.93
CA SER A 174 -12.18 -4.76 10.04
C SER A 174 -12.24 -5.37 8.62
N MET A 175 -11.25 -6.20 8.29
CA MET A 175 -11.08 -6.76 6.93
C MET A 175 -11.62 -8.17 6.76
N VAL A 176 -11.57 -8.97 7.83
CA VAL A 176 -12.03 -10.38 7.77
C VAL A 176 -13.00 -10.79 8.89
N GLY A 177 -13.27 -9.88 9.85
CA GLY A 177 -13.96 -10.24 11.09
C GLY A 177 -15.36 -9.66 11.27
N VAL A 178 -15.86 -8.92 10.30
CA VAL A 178 -17.20 -8.36 10.41
C VAL A 178 -18.24 -9.44 10.20
N ASN A 179 -19.20 -9.55 11.12
CA ASN A 179 -20.21 -10.60 11.09
C ASN A 179 -21.55 -10.02 10.71
N LEU A 180 -21.80 -9.95 9.40
CA LEU A 180 -23.10 -9.60 8.86
C LEU A 180 -23.42 -10.62 7.73
N PRO A 181 -24.71 -10.87 7.43
CA PRO A 181 -25.09 -11.87 6.42
C PRO A 181 -24.54 -11.64 5.02
N GLN A 182 -24.45 -10.37 4.61
CA GLN A 182 -23.96 -10.03 3.27
C GLN A 182 -22.71 -9.20 3.39
N LYS A 183 -21.61 -9.74 2.82
CA LYS A 183 -20.28 -9.13 2.81
C LYS A 183 -19.82 -9.04 1.35
N ALA A 184 -19.90 -7.83 0.78
CA ALA A 184 -19.71 -7.62 -0.66
C ALA A 184 -18.39 -6.93 -1.00
N GLY A 185 -17.75 -7.34 -2.10
CA GLY A 185 -16.65 -6.59 -2.68
C GLY A 185 -17.14 -5.33 -3.37
N GLY A 186 -16.44 -4.23 -3.12
CA GLY A 186 -16.74 -2.96 -3.76
C GLY A 186 -16.13 -2.82 -5.15
N PHE A 187 -16.44 -1.70 -5.80
CA PHE A 187 -16.04 -1.50 -7.18
C PHE A 187 -14.53 -1.27 -7.38
N LEU A 188 -13.85 -0.69 -6.39
CA LEU A 188 -12.38 -0.53 -6.49
C LEU A 188 -11.71 -1.89 -6.33
N MET A 189 -12.19 -2.67 -5.37
CA MET A 189 -11.71 -4.05 -5.22
C MET A 189 -11.79 -4.80 -6.52
N LYS A 190 -12.96 -4.70 -7.15
CA LYS A 190 -13.19 -5.38 -8.44
C LYS A 190 -12.29 -4.84 -9.56
N LYS A 191 -12.20 -3.53 -9.68
CA LYS A 191 -11.35 -2.88 -10.72
C LYS A 191 -9.90 -3.32 -10.62
N GLU A 192 -9.35 -3.26 -9.41
CA GLU A 192 -7.94 -3.63 -9.21
C GLU A 192 -7.70 -5.13 -9.46
N LEU A 193 -8.54 -5.98 -8.89
CA LEU A 193 -8.37 -7.44 -9.09
C LEU A 193 -8.51 -7.79 -10.57
N ASN A 194 -9.44 -7.15 -11.27
CA ASN A 194 -9.61 -7.44 -12.71
C ASN A 194 -8.38 -7.03 -13.51
N TYR A 195 -7.82 -5.88 -13.22
CA TYR A 195 -6.63 -5.41 -13.94
C TYR A 195 -5.49 -6.40 -13.74
N PHE A 196 -5.21 -6.74 -12.47
CA PHE A 196 -4.10 -7.66 -12.20
C PHE A 196 -4.35 -9.05 -12.76
N ALA A 197 -5.60 -9.53 -12.73
CA ALA A 197 -5.85 -10.87 -13.26
C ALA A 197 -5.43 -10.95 -14.73
N LYS A 198 -5.77 -9.94 -15.49
CA LYS A 198 -5.42 -9.92 -16.90
C LYS A 198 -3.91 -9.75 -17.12
N ALA A 199 -3.30 -8.83 -16.37
CA ALA A 199 -1.88 -8.50 -16.55
C ALA A 199 -0.95 -9.61 -16.07
N LEU A 200 -1.40 -10.42 -15.12
CA LEU A 200 -0.56 -11.46 -14.53
C LEU A 200 -0.79 -12.84 -15.13
N GLU A 201 -1.82 -12.99 -15.96
CA GLU A 201 -2.13 -14.29 -16.55
C GLU A 201 -1.01 -14.79 -17.48
N SER A 202 -0.54 -13.92 -18.36
CA SER A 202 0.54 -14.24 -19.30
C SER A 202 1.43 -13.02 -19.52
N PRO A 203 2.25 -12.67 -18.52
CA PRO A 203 3.02 -11.43 -18.60
C PRO A 203 3.90 -11.39 -19.83
N GLU A 204 4.11 -10.19 -20.35
CA GLU A 204 5.13 -9.99 -21.36
C GLU A 204 6.51 -10.12 -20.73
N ARG A 205 7.46 -10.68 -21.48
CA ARG A 205 8.77 -11.01 -20.91
C ARG A 205 9.92 -10.44 -21.73
N PRO A 206 11.01 -10.04 -21.06
CA PRO A 206 11.25 -10.17 -19.62
C PRO A 206 10.29 -9.36 -18.73
N PHE A 207 9.90 -9.93 -17.60
CA PHE A 207 9.03 -9.30 -16.59
C PHE A 207 9.92 -8.90 -15.42
N LEU A 208 9.99 -7.58 -15.18
CA LEU A 208 10.81 -6.97 -14.15
C LEU A 208 9.95 -6.53 -12.95
N ALA A 209 10.33 -6.97 -11.75
CA ALA A 209 9.80 -6.37 -10.51
C ALA A 209 10.81 -5.35 -9.95
N ILE A 210 10.32 -4.20 -9.54
CA ILE A 210 11.12 -3.17 -8.88
C ILE A 210 10.63 -3.04 -7.46
N LEU A 211 11.47 -3.40 -6.48
CA LEU A 211 11.09 -3.45 -5.07
C LEU A 211 11.96 -2.50 -4.29
N GLY A 212 11.36 -1.40 -3.84
CA GLY A 212 12.04 -0.39 -3.03
C GLY A 212 11.31 -0.12 -1.72
N GLY A 213 11.35 1.13 -1.28
CA GLY A 213 10.57 1.58 -0.14
C GLY A 213 11.20 1.37 1.22
N ALA A 214 10.37 1.38 2.25
CA ALA A 214 10.79 1.35 3.65
C ALA A 214 10.20 0.25 4.48
N LYS A 215 9.27 -0.53 3.93
CA LYS A 215 8.62 -1.62 4.70
C LYS A 215 9.43 -2.90 4.52
N VAL A 216 10.65 -2.88 5.04
CA VAL A 216 11.63 -3.93 4.75
C VAL A 216 11.25 -5.22 5.45
N ALA A 217 10.89 -5.18 6.72
CA ALA A 217 10.55 -6.40 7.46
C ALA A 217 9.46 -7.18 6.75
N ASP A 218 8.43 -6.50 6.26
CA ASP A 218 7.32 -7.17 5.59
C ASP A 218 7.68 -7.63 4.20
N LYS A 219 8.27 -6.73 3.40
CA LYS A 219 8.35 -6.97 1.97
C LYS A 219 9.55 -7.85 1.58
N ILE A 220 10.61 -7.89 2.40
CA ILE A 220 11.69 -8.85 2.15
C ILE A 220 11.17 -10.31 2.15
N GLN A 221 10.08 -10.56 2.87
CA GLN A 221 9.47 -11.88 2.96
C GLN A 221 8.62 -12.27 1.74
N LEU A 222 8.41 -11.33 0.83
CA LEU A 222 7.64 -11.56 -0.39
C LEU A 222 8.53 -11.98 -1.56
N ILE A 223 9.84 -11.79 -1.43
CA ILE A 223 10.77 -12.01 -2.54
C ILE A 223 10.82 -13.50 -2.95
N ASN A 224 10.84 -14.40 -1.99
CA ASN A 224 10.94 -15.84 -2.28
C ASN A 224 9.92 -16.28 -3.33
N ASN A 225 8.65 -15.93 -3.16
CA ASN A 225 7.61 -16.38 -4.11
C ASN A 225 7.65 -15.51 -5.36
N MET A 226 8.00 -14.23 -5.26
CA MET A 226 8.12 -13.41 -6.46
CA MET A 226 8.16 -13.36 -6.43
C MET A 226 9.19 -13.94 -7.42
N LEU A 227 10.24 -14.60 -6.89
CA LEU A 227 11.29 -15.17 -7.72
C LEU A 227 10.84 -16.32 -8.60
N ASP A 228 9.64 -16.85 -8.39
CA ASP A 228 9.08 -17.85 -9.29
C ASP A 228 8.25 -17.27 -10.43
N LYS A 229 8.08 -15.95 -10.42
CA LYS A 229 7.17 -15.26 -11.35
C LYS A 229 7.84 -14.28 -12.31
N VAL A 230 8.97 -13.70 -11.90
CA VAL A 230 9.60 -12.62 -12.67
C VAL A 230 10.90 -13.08 -13.30
N ASN A 231 11.40 -12.32 -14.25
CA ASN A 231 12.69 -12.63 -14.87
C ASN A 231 13.84 -11.74 -14.41
N GLU A 232 13.52 -10.59 -13.82
CA GLU A 232 14.52 -9.69 -13.27
C GLU A 232 13.93 -9.00 -12.06
N MET A 233 14.77 -8.56 -11.14
CA MET A 233 14.33 -7.79 -9.99
C MET A 233 15.37 -6.73 -9.64
N ILE A 234 14.90 -5.48 -9.57
CA ILE A 234 15.64 -4.38 -8.93
C ILE A 234 15.27 -4.40 -7.45
N ILE A 235 16.28 -4.40 -6.58
CA ILE A 235 16.08 -4.32 -5.11
C ILE A 235 16.75 -3.03 -4.69
N GLY A 236 15.95 -2.02 -4.38
CA GLY A 236 16.41 -0.66 -4.13
C GLY A 236 15.78 -0.04 -2.90
N GLY A 237 15.89 1.29 -2.83
CA GLY A 237 15.44 2.03 -1.68
C GLY A 237 15.98 1.47 -0.38
N GLY A 238 15.14 1.45 0.65
CA GLY A 238 15.55 0.92 1.93
C GLY A 238 15.78 -0.58 1.96
N MET A 239 15.25 -1.32 0.96
CA MET A 239 15.40 -2.75 0.90
C MET A 239 16.82 -3.19 0.70
N ALA A 240 17.62 -2.38 0.02
CA ALA A 240 18.90 -2.82 -0.48
C ALA A 240 19.93 -3.08 0.59
N PHE A 241 19.88 -2.28 1.67
CA PHE A 241 20.96 -2.31 2.65
C PHE A 241 21.10 -3.63 3.38
N THR A 242 20.00 -4.35 3.64
CA THR A 242 20.08 -5.66 4.25
C THR A 242 20.86 -6.63 3.33
N PHE A 243 20.58 -6.56 2.02
CA PHE A 243 21.31 -7.37 1.04
C PHE A 243 22.80 -7.03 0.96
N LEU A 244 23.12 -5.75 0.89
CA LEU A 244 24.51 -5.30 0.76
C LEU A 244 25.38 -5.57 2.00
N LYS A 245 24.79 -5.45 3.19
CA LYS A 245 25.50 -5.78 4.43
C LYS A 245 25.91 -7.26 4.42
N VAL A 246 24.97 -8.13 4.04
CA VAL A 246 25.21 -9.57 4.06
C VAL A 246 26.12 -10.00 2.92
N LEU A 247 25.83 -9.59 1.69
CA LEU A 247 26.56 -10.09 0.51
C LEU A 247 27.94 -9.45 0.34
N ASN A 248 28.02 -8.14 0.61
CA ASN A 248 29.23 -7.34 0.34
C ASN A 248 30.00 -6.99 1.61
N ASN A 249 29.49 -7.38 2.78
CA ASN A 249 30.09 -6.93 4.04
C ASN A 249 30.19 -5.38 4.09
N MET A 250 29.23 -4.72 3.44
CA MET A 250 29.25 -3.27 3.33
C MET A 250 28.88 -2.65 4.68
N GLU A 251 29.63 -1.64 5.09
CA GLU A 251 29.19 -0.73 6.17
C GLU A 251 28.01 0.11 5.70
N ILE A 252 26.92 0.06 6.47
CA ILE A 252 25.65 0.72 6.08
C ILE A 252 25.18 1.81 7.04
N GLY A 253 25.96 2.11 8.06
CA GLY A 253 25.61 3.18 8.98
C GLY A 253 24.27 2.95 9.64
N THR A 254 23.47 4.02 9.72
CA THR A 254 22.11 3.97 10.29
C THR A 254 21.01 3.70 9.25
N SER A 255 21.37 3.23 8.04
CA SER A 255 20.39 2.89 7.03
C SER A 255 19.46 1.77 7.51
N LEU A 256 18.29 1.70 6.89
CA LEU A 256 17.31 0.68 7.26
C LEU A 256 17.93 -0.72 7.13
N PHE A 257 17.68 -1.56 8.12
CA PHE A 257 18.26 -2.91 8.19
C PHE A 257 17.27 -3.83 8.88
N ASP A 258 17.07 -5.02 8.30
CA ASP A 258 16.20 -6.02 8.89
C ASP A 258 16.97 -7.26 9.33
N GLU A 259 17.09 -7.43 10.64
CA GLU A 259 17.79 -8.57 11.22
C GLU A 259 17.24 -9.93 10.76
N GLU A 260 15.93 -10.11 10.71
CA GLU A 260 15.37 -11.40 10.33
C GLU A 260 15.58 -11.67 8.84
N GLY A 261 15.34 -10.68 8.01
CA GLY A 261 15.54 -10.81 6.56
C GLY A 261 16.99 -11.08 6.18
N ALA A 262 17.92 -10.55 6.95
CA ALA A 262 19.33 -10.80 6.69
C ALA A 262 19.65 -12.27 6.68
N LYS A 263 18.96 -13.04 7.52
CA LYS A 263 19.18 -14.46 7.62
C LYS A 263 18.78 -15.27 6.40
N ILE A 264 18.01 -14.70 5.48
CA ILE A 264 17.60 -15.39 4.24
C ILE A 264 18.17 -14.79 2.96
N VAL A 265 18.93 -13.71 3.06
CA VAL A 265 19.50 -13.08 1.86
C VAL A 265 20.29 -14.06 0.97
N LYS A 266 21.21 -14.83 1.51
CA LYS A 266 21.97 -15.75 0.64
C LYS A 266 21.06 -16.81 -0.03
N ASP A 267 20.08 -17.33 0.71
CA ASP A 267 19.14 -18.28 0.13
C ASP A 267 18.33 -17.64 -1.00
N LEU A 268 17.89 -16.41 -0.83
CA LEU A 268 17.19 -15.67 -1.90
C LEU A 268 18.09 -15.52 -3.13
N MET A 269 19.35 -15.13 -2.95
CA MET A 269 20.25 -15.00 -4.12
C MET A 269 20.46 -16.36 -4.80
N SER A 270 20.61 -17.44 -4.03
CA SER A 270 20.75 -18.80 -4.59
C SER A 270 19.53 -19.15 -5.44
N LYS A 271 18.36 -18.83 -4.95
CA LYS A 271 17.12 -19.11 -5.69
C LYS A 271 17.04 -18.29 -6.97
N ALA A 272 17.40 -17.01 -6.91
CA ALA A 272 17.44 -16.18 -8.11
C ALA A 272 18.37 -16.79 -9.17
N GLU A 273 19.53 -17.28 -8.75
CA GLU A 273 20.45 -17.94 -9.68
C GLU A 273 19.81 -19.19 -10.28
N LYS A 274 19.20 -20.02 -9.43
CA LYS A 274 18.54 -21.25 -9.87
C LYS A 274 17.46 -20.96 -10.92
N ASN A 275 16.72 -19.88 -10.72
CA ASN A 275 15.58 -19.53 -11.59
C ASN A 275 15.94 -18.58 -12.73
N GLY A 276 17.20 -18.21 -12.86
CA GLY A 276 17.62 -17.29 -13.93
C GLY A 276 17.09 -15.89 -13.81
N VAL A 277 16.93 -15.41 -12.58
CA VAL A 277 16.44 -14.06 -12.28
C VAL A 277 17.62 -13.13 -12.03
N LYS A 278 17.87 -12.18 -12.93
CA LYS A 278 18.94 -11.19 -12.74
C LYS A 278 18.53 -10.20 -11.65
N ILE A 279 19.37 -10.07 -10.62
CA ILE A 279 19.15 -9.13 -9.51
C ILE A 279 20.04 -7.91 -9.70
N THR A 280 19.43 -6.73 -9.66
CA THR A 280 20.14 -5.47 -9.76
C THR A 280 20.00 -4.73 -8.43
N LEU A 281 21.11 -4.65 -7.70
CA LEU A 281 21.23 -3.88 -6.48
C LEU A 281 21.95 -2.56 -6.77
N PRO A 282 21.73 -1.54 -5.92
CA PRO A 282 22.48 -0.29 -6.14
C PRO A 282 23.96 -0.45 -5.82
N VAL A 283 24.75 0.44 -6.40
CA VAL A 283 26.20 0.48 -6.23
C VAL A 283 26.73 1.80 -5.63
N ASP A 284 25.85 2.79 -5.46
CA ASP A 284 26.23 4.09 -4.95
C ASP A 284 25.01 4.77 -4.32
N PHE A 285 25.25 5.82 -3.51
CA PHE A 285 24.24 6.38 -2.60
C PHE A 285 24.44 7.85 -2.36
N VAL A 286 23.31 8.53 -2.09
CA VAL A 286 23.30 9.84 -1.43
C VAL A 286 23.05 9.56 0.05
N THR A 287 23.92 10.07 0.91
CA THR A 287 23.84 9.84 2.33
C THR A 287 23.36 11.09 3.09
N ALA A 288 22.94 10.87 4.32
CA ALA A 288 22.41 11.93 5.18
C ALA A 288 22.89 11.69 6.62
N ASP A 289 23.08 12.76 7.38
CA ASP A 289 23.57 12.63 8.74
C ASP A 289 22.47 12.40 9.79
N LYS A 290 21.22 12.49 9.34
CA LYS A 290 20.05 12.19 10.15
C LYS A 290 18.86 12.08 9.23
N PHE A 291 17.78 11.50 9.73
CA PHE A 291 16.55 11.34 8.97
C PHE A 291 15.74 12.64 9.02
N ASP A 292 16.12 13.58 8.14
CA ASP A 292 15.51 14.90 8.11
C ASP A 292 15.68 15.50 6.71
N GLU A 293 14.65 16.23 6.29
CA GLU A 293 14.65 16.93 5.01
C GLU A 293 15.87 17.82 4.82
N ASN A 294 16.35 18.44 5.90
CA ASN A 294 17.50 19.36 5.85
C ASN A 294 18.80 18.80 6.46
N ALA A 295 18.89 17.46 6.47
CA ALA A 295 20.15 16.79 6.87
C ALA A 295 21.32 17.29 6.04
N LYS A 296 22.51 17.25 6.62
CA LYS A 296 23.72 17.34 5.82
C LYS A 296 23.82 16.08 4.98
N THR A 297 24.39 16.20 3.79
CA THR A 297 24.40 15.12 2.84
C THR A 297 25.82 14.79 2.37
N GLY A 298 25.98 13.57 1.84
CA GLY A 298 27.24 13.14 1.24
C GLY A 298 27.01 12.12 0.13
N GLN A 299 28.09 11.47 -0.28
CA GLN A 299 28.05 10.43 -1.31
C GLN A 299 28.83 9.22 -0.81
N ALA A 300 28.42 8.02 -1.24
CA ALA A 300 29.13 6.79 -0.91
C ALA A 300 28.95 5.77 -2.02
N THR A 301 29.85 4.79 -2.07
CA THR A 301 29.74 3.64 -2.96
C THR A 301 29.67 2.38 -2.10
N VAL A 302 29.29 1.26 -2.71
CA VAL A 302 29.38 -0.02 -1.99
C VAL A 302 30.84 -0.27 -1.50
N ALA A 303 31.83 0.07 -2.31
CA ALA A 303 33.24 -0.10 -1.93
C ALA A 303 33.65 0.78 -0.78
N SER A 304 33.18 2.03 -0.74
CA SER A 304 33.60 2.92 0.34
C SER A 304 32.89 2.62 1.64
N GLY A 305 31.68 2.08 1.53
CA GLY A 305 30.78 1.98 2.68
C GLY A 305 30.18 3.32 3.04
N ILE A 306 29.20 3.28 3.94
CA ILE A 306 28.55 4.48 4.49
C ILE A 306 29.13 4.73 5.87
N PRO A 307 29.53 5.98 6.16
CA PRO A 307 30.08 6.28 7.48
C PRO A 307 29.14 5.96 8.63
N ALA A 308 29.72 5.60 9.78
CA ALA A 308 28.96 5.43 11.00
C ALA A 308 28.16 6.71 11.31
N GLY A 309 26.90 6.53 11.71
CA GLY A 309 26.01 7.65 12.01
C GLY A 309 25.34 8.32 10.80
N TRP A 310 25.58 7.82 9.59
CA TRP A 310 24.97 8.34 8.34
C TRP A 310 24.09 7.25 7.73
N MET A 311 23.06 7.64 7.01
CA MET A 311 22.13 6.70 6.37
C MET A 311 22.05 6.96 4.85
N GLY A 312 21.94 5.91 4.05
CA GLY A 312 21.68 6.07 2.64
C GLY A 312 20.19 6.32 2.40
N LEU A 313 19.87 7.48 1.84
CA LEU A 313 18.47 7.88 1.57
C LEU A 313 18.14 8.01 0.08
N ASP A 314 19.13 7.87 -0.80
CA ASP A 314 18.85 7.76 -2.24
C ASP A 314 19.95 6.89 -2.84
N CYS A 315 19.70 6.36 -4.03
CA CYS A 315 20.80 5.78 -4.82
C CYS A 315 21.55 6.93 -5.51
N GLY A 316 22.69 6.62 -6.09
CA GLY A 316 23.46 7.58 -6.88
C GLY A 316 23.36 7.34 -8.38
N PRO A 317 24.22 8.01 -9.15
CA PRO A 317 24.06 8.02 -10.61
C PRO A 317 24.44 6.69 -11.26
N GLU A 318 25.41 5.97 -10.70
CA GLU A 318 25.81 4.70 -11.30
C GLU A 318 24.72 3.66 -11.06
N SER A 319 24.03 3.76 -9.92
CA SER A 319 22.88 2.89 -9.68
C SER A 319 21.75 3.19 -10.66
N SER A 320 21.48 4.48 -10.89
CA SER A 320 20.42 4.87 -11.84
C SER A 320 20.69 4.29 -13.21
N LYS A 321 21.95 4.28 -13.62
CA LYS A 321 22.31 3.70 -14.93
C LYS A 321 21.98 2.20 -14.97
N LYS A 322 22.31 1.46 -13.93
CA LYS A 322 22.02 0.03 -13.86
C LYS A 322 20.52 -0.24 -13.82
N TYR A 323 19.76 0.57 -13.07
CA TYR A 323 18.30 0.45 -13.07
C TYR A 323 17.72 0.70 -14.47
N ALA A 324 18.25 1.72 -15.15
CA ALA A 324 17.82 2.04 -16.51
C ALA A 324 18.06 0.88 -17.45
N GLU A 325 19.21 0.23 -17.32
CA GLU A 325 19.52 -0.91 -18.18
C GLU A 325 18.47 -2.02 -18.04
N ALA A 326 18.02 -2.28 -16.81
CA ALA A 326 17.00 -3.31 -16.55
C ALA A 326 15.64 -2.88 -17.11
N VAL A 327 15.28 -1.61 -16.96
CA VAL A 327 14.03 -1.08 -17.52
C VAL A 327 14.04 -1.21 -19.05
N THR A 328 15.20 -0.97 -19.68
CA THR A 328 15.26 -1.05 -21.13
C THR A 328 15.01 -2.49 -21.63
N ARG A 329 15.47 -3.48 -20.87
CA ARG A 329 15.26 -4.88 -21.24
C ARG A 329 13.82 -5.35 -21.00
N ALA A 330 13.07 -4.65 -20.15
CA ALA A 330 11.75 -5.12 -19.70
C ALA A 330 10.67 -4.98 -20.75
N LYS A 331 9.78 -5.98 -20.83
CA LYS A 331 8.53 -5.83 -21.59
C LYS A 331 7.30 -5.67 -20.67
N GLN A 332 7.47 -5.95 -19.39
CA GLN A 332 6.45 -5.69 -18.37
C GLN A 332 7.13 -5.35 -17.06
N ILE A 333 6.58 -4.41 -16.29
CA ILE A 333 7.18 -3.95 -15.04
C ILE A 333 6.08 -3.82 -13.98
N VAL A 334 6.34 -4.31 -12.76
CA VAL A 334 5.55 -4.00 -11.56
C VAL A 334 6.52 -3.33 -10.59
N TRP A 335 6.19 -2.11 -10.19
CA TRP A 335 7.06 -1.30 -9.31
C TRP A 335 6.31 -0.92 -8.03
N ASN A 336 6.83 -1.37 -6.90
CA ASN A 336 6.34 -0.93 -5.58
C ASN A 336 7.55 -0.50 -4.74
N GLY A 337 7.53 0.77 -4.26
CA GLY A 337 8.57 1.28 -3.36
C GLY A 337 9.57 2.20 -4.03
N PRO A 338 9.53 3.52 -3.69
CA PRO A 338 10.50 4.45 -4.30
C PRO A 338 11.94 4.02 -3.99
N VAL A 339 12.89 4.44 -4.82
CA VAL A 339 14.28 4.02 -4.63
C VAL A 339 15.07 5.00 -3.76
N GLY A 340 14.40 5.99 -3.20
CA GLY A 340 14.96 6.89 -2.21
C GLY A 340 13.84 7.67 -1.55
N VAL A 341 14.21 8.57 -0.63
CA VAL A 341 13.21 9.35 0.14
C VAL A 341 12.74 10.53 -0.74
N PHE A 342 11.88 10.20 -1.71
CA PHE A 342 11.53 11.11 -2.80
C PHE A 342 10.72 12.32 -2.33
N GLU A 343 10.16 12.25 -1.13
CA GLU A 343 9.41 13.35 -0.54
C GLU A 343 10.27 14.56 -0.24
N TRP A 344 11.58 14.33 -0.07
CA TRP A 344 12.54 15.38 0.31
C TRP A 344 13.46 15.55 -0.91
N GLU A 345 13.53 16.77 -1.45
CA GLU A 345 14.25 16.98 -2.73
C GLU A 345 15.69 16.51 -2.77
N ALA A 346 16.40 16.59 -1.64
CA ALA A 346 17.78 16.15 -1.59
C ALA A 346 17.94 14.66 -1.93
N PHE A 347 16.87 13.89 -1.76
CA PHE A 347 16.87 12.43 -1.89
C PHE A 347 15.91 11.90 -2.94
N ALA A 348 15.53 12.77 -3.89
CA ALA A 348 14.48 12.45 -4.87
C ALA A 348 15.03 12.12 -6.26
N ARG A 349 16.30 12.41 -6.51
CA ARG A 349 16.81 12.28 -7.89
C ARG A 349 16.76 10.85 -8.45
N GLY A 350 17.07 9.87 -7.65
CA GLY A 350 17.06 8.49 -8.13
C GLY A 350 15.66 8.03 -8.51
N THR A 351 14.67 8.41 -7.72
CA THR A 351 13.29 8.01 -8.03
C THR A 351 12.78 8.76 -9.26
N LYS A 352 13.12 10.04 -9.40
CA LYS A 352 12.76 10.79 -10.60
C LYS A 352 13.37 10.17 -11.84
N ALA A 353 14.66 9.81 -11.78
CA ALA A 353 15.35 9.20 -12.93
C ALA A 353 14.68 7.89 -13.32
N LEU A 354 14.32 7.08 -12.34
CA LEU A 354 13.66 5.80 -12.62
C LEU A 354 12.28 6.03 -13.24
N MET A 355 11.54 7.01 -12.71
CA MET A 355 10.25 7.34 -13.29
C MET A 355 10.40 7.74 -14.75
N ASP A 356 11.40 8.58 -15.07
CA ASP A 356 11.67 8.99 -16.46
C ASP A 356 11.84 7.76 -17.35
N GLU A 357 12.62 6.78 -16.87
CA GLU A 357 12.86 5.55 -17.64
C GLU A 357 11.58 4.72 -17.83
N VAL A 358 10.78 4.60 -16.77
CA VAL A 358 9.55 3.80 -16.82
C VAL A 358 8.54 4.44 -17.79
N VAL A 359 8.48 5.77 -17.79
CA VAL A 359 7.58 6.48 -18.72
C VAL A 359 8.05 6.24 -20.16
N LYS A 360 9.36 6.36 -20.41
CA LYS A 360 9.94 6.07 -21.73
C LYS A 360 9.66 4.63 -22.19
N ALA A 361 9.75 3.68 -21.27
CA ALA A 361 9.46 2.27 -21.57
C ALA A 361 8.01 2.10 -22.01
N THR A 362 7.09 2.75 -21.29
CA THR A 362 5.67 2.69 -21.64
C THR A 362 5.44 3.17 -23.07
N SER A 363 6.07 4.28 -23.44
CA SER A 363 5.89 4.86 -24.79
C SER A 363 6.34 3.94 -25.92
N ARG A 364 7.26 3.02 -25.66
CA ARG A 364 7.69 2.04 -26.68
C ARG A 364 7.06 0.65 -26.52
N GLY A 365 6.05 0.55 -25.67
CA GLY A 365 5.21 -0.64 -25.59
C GLY A 365 5.33 -1.48 -24.34
N CYS A 366 6.11 -1.05 -23.36
CA CYS A 366 6.20 -1.77 -22.08
C CYS A 366 4.89 -1.64 -21.32
N ILE A 367 4.45 -2.73 -20.69
CA ILE A 367 3.31 -2.68 -19.81
C ILE A 367 3.85 -2.33 -18.43
N THR A 368 3.48 -1.18 -17.88
CA THR A 368 4.09 -0.63 -16.66
C THR A 368 3.02 -0.38 -15.60
N ILE A 369 3.25 -0.97 -14.42
CA ILE A 369 2.32 -0.96 -13.32
C ILE A 369 3.06 -0.41 -12.11
N ILE A 370 2.58 0.71 -11.58
CA ILE A 370 3.15 1.34 -10.38
C ILE A 370 2.09 1.28 -9.29
N GLY A 371 2.42 0.77 -8.11
CA GLY A 371 1.43 0.69 -7.04
C GLY A 371 1.95 1.05 -5.67
N GLY A 372 1.04 1.57 -4.85
CA GLY A 372 1.28 1.80 -3.44
C GLY A 372 0.88 3.21 -3.03
N GLY A 373 0.62 3.37 -1.74
CA GLY A 373 0.23 4.68 -1.26
C GLY A 373 1.27 5.75 -1.50
N ASP A 374 2.52 5.41 -1.22
CA ASP A 374 3.63 6.32 -1.44
C ASP A 374 4.12 6.28 -2.87
N THR A 375 4.26 5.09 -3.46
CA THR A 375 4.82 5.05 -4.83
C THR A 375 3.88 5.71 -5.84
N ALA A 376 2.57 5.58 -5.67
CA ALA A 376 1.66 6.28 -6.57
C ALA A 376 1.77 7.80 -6.45
N THR A 377 2.22 8.27 -5.30
CA THR A 377 2.43 9.71 -5.06
C THR A 377 3.63 10.22 -5.87
N CYS A 378 4.55 9.33 -6.24
CA CYS A 378 5.60 9.70 -7.20
C CYS A 378 4.96 10.09 -8.52
N CYS A 379 3.95 9.33 -8.95
CA CYS A 379 3.25 9.65 -10.21
C CYS A 379 2.50 10.99 -10.13
N ALA A 380 1.86 11.26 -9.00
CA ALA A 380 1.22 12.55 -8.77
C ALA A 380 2.21 13.72 -8.79
N LYS A 381 3.33 13.53 -8.11
CA LYS A 381 4.36 14.58 -7.96
C LYS A 381 4.99 15.00 -9.31
N TRP A 382 5.22 14.02 -10.18
CA TRP A 382 5.91 14.26 -11.44
C TRP A 382 4.96 14.19 -12.62
N ASN A 383 3.65 14.14 -12.35
CA ASN A 383 2.59 14.20 -13.37
C ASN A 383 2.69 13.07 -14.41
N THR A 384 2.84 11.84 -13.93
CA THR A 384 2.96 10.66 -14.81
C THR A 384 1.84 9.63 -14.64
N GLU A 385 0.76 10.01 -13.96
CA GLU A 385 -0.36 9.09 -13.72
C GLU A 385 -0.95 8.54 -15.01
N ASP A 386 -0.98 9.36 -16.06
CA ASP A 386 -1.50 8.90 -17.36
C ASP A 386 -0.41 8.53 -18.37
N LYS A 387 0.82 8.38 -17.88
CA LYS A 387 1.98 8.10 -18.73
C LYS A 387 2.57 6.69 -18.46
N VAL A 388 1.92 5.93 -17.56
CA VAL A 388 2.23 4.51 -17.31
C VAL A 388 0.93 3.70 -17.50
N SER A 389 1.01 2.38 -17.63
CA SER A 389 -0.19 1.61 -17.95
C SER A 389 -1.27 1.59 -16.87
N HIS A 390 -0.86 1.46 -15.60
CA HIS A 390 -1.80 1.35 -14.46
C HIS A 390 -1.12 1.85 -13.21
N VAL A 391 -1.81 2.74 -12.49
CA VAL A 391 -1.40 3.18 -11.17
C VAL A 391 -2.38 2.56 -10.18
N SER A 392 -1.86 1.68 -9.35
CA SER A 392 -2.64 0.94 -8.38
C SER A 392 -2.65 1.60 -7.00
N THR A 393 -3.78 1.49 -6.33
CA THR A 393 -3.93 1.89 -4.91
C THR A 393 -3.32 0.88 -3.94
N GLY A 394 -2.88 -0.28 -4.42
CA GLY A 394 -2.22 -1.26 -3.60
C GLY A 394 -0.72 -1.35 -3.84
N GLY A 395 0.03 -1.48 -2.75
CA GLY A 395 1.50 -1.63 -2.78
C GLY A 395 1.84 -3.06 -2.43
N GLY A 396 1.99 -3.35 -1.13
CA GLY A 396 2.16 -4.74 -0.68
C GLY A 396 0.99 -5.63 -1.11
N ALA A 397 -0.22 -5.08 -1.17
CA ALA A 397 -1.37 -5.85 -1.64
C ALA A 397 -1.15 -6.35 -3.06
N SER A 398 -0.58 -5.49 -3.91
CA SER A 398 -0.30 -5.87 -5.31
C SER A 398 0.85 -6.88 -5.38
N LEU A 399 1.85 -6.74 -4.52
CA LEU A 399 2.97 -7.72 -4.49
C LEU A 399 2.47 -9.10 -4.06
N GLU A 400 1.55 -9.14 -3.09
CA GLU A 400 0.98 -10.42 -2.66
C GLU A 400 0.15 -11.08 -3.81
N LEU A 401 -0.53 -10.29 -4.64
CA LEU A 401 -1.12 -10.79 -5.87
C LEU A 401 -0.09 -11.36 -6.86
N LEU A 402 1.01 -10.64 -7.03
CA LEU A 402 2.10 -11.11 -7.88
C LEU A 402 2.62 -12.46 -7.43
N GLU A 403 2.69 -12.68 -6.11
CA GLU A 403 3.07 -13.99 -5.59
C GLU A 403 2.11 -15.11 -5.97
N GLY A 404 0.85 -14.78 -6.31
CA GLY A 404 -0.16 -15.75 -6.71
C GLY A 404 -1.13 -16.18 -5.63
N LYS A 405 -1.30 -15.34 -4.61
CA LYS A 405 -2.14 -15.64 -3.46
C LYS A 405 -3.55 -15.10 -3.63
N VAL A 406 -4.49 -15.68 -2.89
CA VAL A 406 -5.82 -15.11 -2.65
C VAL A 406 -5.75 -14.21 -1.42
N LEU A 407 -6.08 -12.94 -1.57
CA LEU A 407 -5.91 -11.99 -0.51
C LEU A 407 -6.97 -12.21 0.61
N PRO A 408 -6.58 -12.16 1.89
CA PRO A 408 -7.54 -12.37 2.96
C PRO A 408 -8.81 -11.51 2.91
N GLY A 409 -8.68 -10.24 2.56
CA GLY A 409 -9.89 -9.41 2.48
C GLY A 409 -10.87 -9.80 1.38
N VAL A 410 -10.36 -10.47 0.34
CA VAL A 410 -11.21 -11.06 -0.68
C VAL A 410 -11.81 -12.40 -0.21
N ASP A 411 -10.97 -13.26 0.36
CA ASP A 411 -11.41 -14.56 0.84
C ASP A 411 -12.59 -14.47 1.82
N ALA A 412 -12.61 -13.43 2.66
CA ALA A 412 -13.64 -13.26 3.71
C ALA A 412 -15.01 -12.78 3.18
N LEU A 413 -15.07 -12.39 1.91
CA LEU A 413 -16.33 -11.96 1.32
C LEU A 413 -17.31 -13.12 1.19
N SER A 414 -18.61 -12.81 1.12
CA SER A 414 -19.65 -13.82 0.95
C SER A 414 -19.50 -14.54 -0.39
N ASN A 415 -19.61 -15.85 -0.37
CA ASN A 415 -19.70 -16.63 -1.62
C ASN A 415 -21.05 -16.43 -2.28
N ILE A 416 -21.08 -16.46 -3.61
CA ILE A 416 -22.35 -16.50 -4.35
C ILE A 416 -23.06 -17.84 -4.10
#